data_6EZF
#
_entry.id   6EZF
#
_cell.length_a   54.239
_cell.length_b   65.315
_cell.length_c   104.391
_cell.angle_alpha   90.00
_cell.angle_beta   90.00
_cell.angle_gamma   90.00
#
_symmetry.space_group_name_H-M   'P 21 21 21'
#
loop_
_entity.id
_entity.type
_entity.pdbx_description
1 polymer "cGMP-dependent 3',5'-cyclic phosphodiesterase"
2 non-polymer 'MAGNESIUM ION'
3 non-polymer 'ZINC ION'
4 non-polymer 6-[(2,4-dichlorophenyl)methyl]pyridazine-3-thiol
5 non-polymer GLYCEROL
6 non-polymer 'SULFATE ION'
7 non-polymer 'SODIUM ION'
8 water water
#
_entity_poly.entity_id   1
_entity_poly.type   'polypeptide(L)'
_entity_poly.pdbx_seq_one_letter_code
;MHASDDEYTKLLHDGIQPVAAIDSNFASFTYTPRSLPEDDTSMAILSMLQDMNFINNYKIDCPTLARFCLMVKKGYRDPP
YHNWMHAFSVSHFCYLLYKNLELTNYLEDIEIFALFISCMCHDLDHRGTNNSFQVASKSVLAALYSSEGSVMERHHFAQA
IAILNTHGCNIFDHFSRKDYQRMLDLMRDIILATDLAHHLRIFKDLQKMAEVGYDRNNKQHHRLLLCLLMTSCDLSDQTK
GWKTTRKIAELIYKEFFSQGDLEKAMGNRPMEMMDREKAYIPELQISFMEHIAMPIYKLLQDLFPKAAELYERVASNREH
WTKVSHKFTIRGLPSNNSLDFLDEELEHHHHHH
;
_entity_poly.pdbx_strand_id   A
#
# COMPACT_ATOMS: atom_id res chain seq x y z
N ASP A 6 -2.96 -13.28 -25.13
CA ASP A 6 -1.69 -12.51 -24.95
C ASP A 6 -1.97 -11.22 -24.18
N GLU A 7 -1.36 -11.08 -23.00
CA GLU A 7 -1.51 -9.88 -22.14
C GLU A 7 -1.34 -8.55 -22.90
N TYR A 8 -0.29 -8.48 -23.71
CA TYR A 8 0.11 -7.24 -24.38
C TYR A 8 -0.87 -6.85 -25.48
N THR A 9 -1.15 -7.80 -26.38
CA THR A 9 -2.13 -7.60 -27.46
C THR A 9 -3.51 -7.29 -26.87
N LYS A 10 -3.93 -8.08 -25.89
CA LYS A 10 -5.21 -7.88 -25.19
C LYS A 10 -5.28 -6.52 -24.48
N LEU A 11 -4.17 -6.10 -23.88
CA LEU A 11 -4.09 -4.78 -23.25
C LEU A 11 -4.10 -3.66 -24.30
N LEU A 12 -3.43 -3.89 -25.43
CA LEU A 12 -3.48 -2.94 -26.57
C LEU A 12 -4.89 -2.86 -27.18
N HIS A 13 -5.59 -3.98 -27.24
CA HIS A 13 -6.97 -4.04 -27.75
C HIS A 13 -7.96 -3.45 -26.75
N ASP A 14 -7.62 -3.50 -25.47
CA ASP A 14 -8.47 -2.96 -24.42
C ASP A 14 -8.47 -1.43 -24.46
N GLY A 15 -7.61 -0.87 -25.30
CA GLY A 15 -7.47 0.58 -25.39
C GLY A 15 -7.41 1.17 -23.99
N ILE A 16 -8.08 2.31 -23.79
CA ILE A 16 -8.25 2.89 -22.45
C ILE A 16 -9.73 3.13 -22.14
N GLN A 17 -10.29 2.30 -21.25
N GLN A 17 -10.29 2.32 -21.25
CA GLN A 17 -11.69 2.37 -20.87
CA GLN A 17 -11.71 2.38 -20.91
C GLN A 17 -11.96 3.54 -19.93
C GLN A 17 -11.98 3.50 -19.91
N PRO A 18 -13.17 4.14 -20.00
CA PRO A 18 -13.57 5.06 -18.94
C PRO A 18 -13.86 4.27 -17.65
N VAL A 19 -13.66 4.90 -16.49
CA VAL A 19 -13.87 4.20 -15.22
C VAL A 19 -15.32 3.71 -15.03
N ALA A 20 -16.29 4.41 -15.64
CA ALA A 20 -17.68 3.95 -15.67
C ALA A 20 -17.89 2.57 -16.32
N ALA A 21 -16.98 2.19 -17.22
CA ALA A 21 -16.98 0.85 -17.84
C ALA A 21 -16.42 -0.27 -16.94
N ILE A 22 -15.89 0.10 -15.77
CA ILE A 22 -15.40 -0.85 -14.78
C ILE A 22 -16.47 -1.05 -13.71
N ASP A 23 -16.92 0.04 -13.09
CA ASP A 23 -17.93 0.01 -12.02
C ASP A 23 -18.40 1.44 -11.70
N SER A 24 -19.69 1.61 -11.43
N SER A 24 -19.69 1.59 -11.43
CA SER A 24 -20.20 2.93 -11.04
CA SER A 24 -20.25 2.89 -11.01
C SER A 24 -19.68 3.38 -9.66
C SER A 24 -19.68 3.36 -9.67
N ASN A 25 -19.27 2.42 -8.82
CA ASN A 25 -18.64 2.71 -7.52
C ASN A 25 -17.10 2.72 -7.54
N PHE A 26 -16.48 2.68 -8.71
CA PHE A 26 -15.01 2.56 -8.83
C PHE A 26 -14.22 3.67 -8.09
N ALA A 27 -14.79 4.87 -8.01
CA ALA A 27 -14.17 5.98 -7.30
C ALA A 27 -14.72 6.20 -5.88
N SER A 28 -15.39 5.19 -5.32
CA SER A 28 -15.95 5.23 -3.96
C SER A 28 -15.01 4.59 -2.96
N PHE A 29 -14.92 5.16 -1.75
CA PHE A 29 -14.17 4.55 -0.65
C PHE A 29 -14.72 3.16 -0.26
N THR A 30 -15.98 2.89 -0.58
CA THR A 30 -16.57 1.57 -0.33
C THR A 30 -16.11 0.47 -1.31
N TYR A 31 -15.54 0.86 -2.45
CA TYR A 31 -15.11 -0.10 -3.47
C TYR A 31 -13.91 -0.90 -3.00
N THR A 32 -13.96 -2.22 -3.21
CA THR A 32 -12.84 -3.11 -2.88
C THR A 32 -12.12 -3.52 -4.16
N PRO A 33 -10.96 -2.90 -4.46
CA PRO A 33 -10.26 -3.23 -5.72
C PRO A 33 -9.77 -4.66 -5.86
N ARG A 34 -9.61 -5.37 -4.74
CA ARG A 34 -9.27 -6.80 -4.79
C ARG A 34 -10.40 -7.69 -5.38
N SER A 35 -11.61 -7.15 -5.51
N SER A 35 -11.62 -7.16 -5.49
CA SER A 35 -12.71 -7.83 -6.18
CA SER A 35 -12.71 -7.86 -6.18
C SER A 35 -12.55 -7.89 -7.70
C SER A 35 -12.59 -7.86 -7.71
N LEU A 36 -11.74 -7.00 -8.27
CA LEU A 36 -11.50 -6.97 -9.73
C LEU A 36 -10.63 -8.16 -10.13
N PRO A 37 -11.02 -8.89 -11.20
CA PRO A 37 -10.18 -10.00 -11.67
C PRO A 37 -8.77 -9.53 -12.00
N GLU A 38 -7.77 -10.30 -11.59
CA GLU A 38 -6.37 -9.93 -11.82
C GLU A 38 -6.05 -9.65 -13.30
N ASP A 39 -6.67 -10.41 -14.21
CA ASP A 39 -6.49 -10.18 -15.65
C ASP A 39 -7.05 -8.84 -16.17
N ASP A 40 -7.86 -8.14 -15.37
CA ASP A 40 -8.40 -6.83 -15.74
C ASP A 40 -7.71 -5.65 -15.04
N THR A 41 -6.72 -5.93 -14.21
CA THR A 41 -6.11 -4.88 -13.40
C THR A 41 -5.22 -3.94 -14.21
N SER A 42 -4.48 -4.45 -15.20
CA SER A 42 -3.63 -3.58 -16.03
C SER A 42 -4.49 -2.56 -16.80
N MET A 43 -5.61 -3.03 -17.35
N MET A 43 -5.62 -3.01 -17.35
CA MET A 43 -6.61 -2.17 -17.97
CA MET A 43 -6.59 -2.10 -17.97
C MET A 43 -7.12 -1.08 -17.02
C MET A 43 -7.08 -1.03 -16.99
N ALA A 44 -7.37 -1.45 -15.76
CA ALA A 44 -7.82 -0.52 -14.71
C ALA A 44 -6.76 0.54 -14.37
N ILE A 45 -5.49 0.13 -14.36
CA ILE A 45 -4.38 1.09 -14.19
C ILE A 45 -4.42 2.17 -15.27
N LEU A 46 -4.55 1.75 -16.53
CA LEU A 46 -4.65 2.70 -17.65
C LEU A 46 -5.86 3.61 -17.50
N SER A 47 -7.01 3.04 -17.11
CA SER A 47 -8.24 3.81 -16.90
C SER A 47 -8.10 4.89 -15.82
N MET A 48 -7.44 4.54 -14.72
CA MET A 48 -7.19 5.51 -13.65
C MET A 48 -6.27 6.63 -14.09
N LEU A 49 -5.19 6.29 -14.77
CA LEU A 49 -4.27 7.30 -15.31
C LEU A 49 -4.97 8.25 -16.29
N GLN A 50 -5.83 7.69 -17.14
N GLN A 50 -5.83 7.69 -17.14
CA GLN A 50 -6.64 8.49 -18.06
CA GLN A 50 -6.63 8.50 -18.06
C GLN A 50 -7.65 9.38 -17.33
C GLN A 50 -7.64 9.40 -17.32
N ASP A 51 -8.32 8.83 -16.33
CA ASP A 51 -9.31 9.59 -15.54
C ASP A 51 -8.70 10.74 -14.72
N MET A 52 -7.46 10.58 -14.27
CA MET A 52 -6.70 11.66 -13.63
C MET A 52 -5.99 12.61 -14.63
N ASN A 53 -6.17 12.36 -15.93
CA ASN A 53 -5.68 13.19 -17.03
C ASN A 53 -4.16 13.19 -17.24
N PHE A 54 -3.44 12.24 -16.63
CA PHE A 54 -1.99 12.21 -16.73
C PHE A 54 -1.46 11.77 -18.09
N ILE A 55 -2.20 10.89 -18.79
CA ILE A 55 -1.77 10.41 -20.09
C ILE A 55 -1.69 11.57 -21.10
N ASN A 56 -2.76 12.37 -21.16
CA ASN A 56 -2.80 13.55 -22.04
C ASN A 56 -1.90 14.69 -21.57
N ASN A 57 -1.97 15.04 -20.29
CA ASN A 57 -1.24 16.20 -19.77
C ASN A 57 0.29 16.05 -19.80
N TYR A 58 0.78 14.81 -19.65
CA TYR A 58 2.21 14.51 -19.78
C TYR A 58 2.61 13.84 -21.09
N LYS A 59 1.69 13.77 -22.05
CA LYS A 59 1.97 13.24 -23.39
C LYS A 59 2.60 11.84 -23.32
N ILE A 60 1.99 10.97 -22.52
CA ILE A 60 2.51 9.62 -22.31
C ILE A 60 2.15 8.77 -23.54
N ASP A 61 3.14 8.05 -24.05
CA ASP A 61 2.93 7.16 -25.20
C ASP A 61 2.22 5.89 -24.71
N CYS A 62 1.03 5.62 -25.25
CA CYS A 62 0.18 4.55 -24.73
C CYS A 62 0.75 3.13 -24.88
N PRO A 63 1.40 2.82 -26.01
CA PRO A 63 2.09 1.51 -26.08
C PRO A 63 3.21 1.37 -25.04
N THR A 64 4.01 2.41 -24.87
CA THR A 64 5.07 2.42 -23.86
C THR A 64 4.50 2.23 -22.45
N LEU A 65 3.40 2.92 -22.17
CA LEU A 65 2.69 2.79 -20.88
C LEU A 65 2.14 1.37 -20.68
N ALA A 66 1.56 0.80 -21.73
CA ALA A 66 1.09 -0.58 -21.70
C ALA A 66 2.22 -1.53 -21.33
N ARG A 67 3.37 -1.38 -21.99
CA ARG A 67 4.55 -2.22 -21.73
C ARG A 67 5.09 -2.01 -20.31
N PHE A 68 5.13 -0.75 -19.89
CA PHE A 68 5.51 -0.38 -18.51
C PHE A 68 4.62 -1.09 -17.48
N CYS A 69 3.31 -0.96 -17.66
N CYS A 69 3.31 -0.98 -17.65
CA CYS A 69 2.33 -1.60 -16.75
CA CYS A 69 2.36 -1.60 -16.72
C CYS A 69 2.52 -3.12 -16.66
C CYS A 69 2.51 -3.12 -16.65
N LEU A 70 2.71 -3.76 -17.81
CA LEU A 70 2.96 -5.21 -17.86
C LEU A 70 4.27 -5.61 -17.18
N MET A 71 5.31 -4.80 -17.39
CA MET A 71 6.61 -5.05 -16.75
C MET A 71 6.52 -4.88 -15.23
N VAL A 72 5.82 -3.85 -14.78
CA VAL A 72 5.64 -3.63 -13.33
C VAL A 72 4.86 -4.81 -12.71
N LYS A 73 3.74 -5.19 -13.32
CA LYS A 73 2.96 -6.37 -12.90
C LYS A 73 3.83 -7.64 -12.83
N LYS A 74 4.62 -7.88 -13.89
CA LYS A 74 5.53 -9.03 -13.96
C LYS A 74 6.65 -8.99 -12.91
N GLY A 75 7.03 -7.78 -12.51
CA GLY A 75 8.06 -7.58 -11.50
C GLY A 75 7.66 -7.96 -10.08
N TYR A 76 6.38 -8.24 -9.84
CA TYR A 76 5.92 -8.81 -8.57
C TYR A 76 5.99 -10.33 -8.60
N ARG A 77 6.37 -10.89 -7.46
CA ARG A 77 6.42 -12.34 -7.25
C ARG A 77 5.09 -12.75 -6.61
N ASP A 78 4.99 -14.00 -6.16
N ASP A 78 5.01 -14.01 -6.14
CA ASP A 78 3.72 -14.48 -5.60
CA ASP A 78 3.77 -14.57 -5.62
C ASP A 78 3.76 -14.97 -4.16
C ASP A 78 3.78 -15.00 -4.14
N PRO A 79 4.33 -14.15 -3.24
CA PRO A 79 4.10 -14.45 -1.82
C PRO A 79 2.62 -14.16 -1.49
N PRO A 80 2.15 -14.63 -0.33
CA PRO A 80 0.73 -14.47 -0.04
C PRO A 80 0.20 -13.02 -0.02
N TYR A 81 0.98 -12.08 0.51
CA TYR A 81 0.52 -10.69 0.62
C TYR A 81 1.20 -9.73 -0.36
N HIS A 82 2.54 -9.73 -0.39
CA HIS A 82 3.29 -8.73 -1.17
C HIS A 82 3.43 -9.09 -2.66
N ASN A 83 2.29 -9.06 -3.34
CA ASN A 83 2.16 -9.48 -4.74
C ASN A 83 1.54 -8.34 -5.54
N TRP A 84 1.31 -8.56 -6.84
CA TRP A 84 0.73 -7.51 -7.68
C TRP A 84 -0.63 -7.01 -7.20
N MET A 85 -1.48 -7.89 -6.66
CA MET A 85 -2.78 -7.44 -6.17
C MET A 85 -2.67 -6.44 -5.00
N HIS A 86 -1.61 -6.56 -4.19
CA HIS A 86 -1.31 -5.52 -3.20
C HIS A 86 -0.98 -4.19 -3.89
N ALA A 87 -0.02 -4.21 -4.82
CA ALA A 87 0.37 -2.98 -5.54
C ALA A 87 -0.82 -2.36 -6.26
N PHE A 88 -1.64 -3.19 -6.89
CA PHE A 88 -2.85 -2.71 -7.57
C PHE A 88 -3.80 -2.02 -6.61
N SER A 89 -4.12 -2.68 -5.49
N SER A 89 -4.11 -2.70 -5.51
CA SER A 89 -5.05 -2.10 -4.52
CA SER A 89 -4.98 -2.18 -4.44
C SER A 89 -4.49 -0.84 -3.84
C SER A 89 -4.47 -0.84 -3.91
N VAL A 90 -3.17 -0.77 -3.65
CA VAL A 90 -2.51 0.46 -3.16
C VAL A 90 -2.65 1.62 -4.17
N SER A 91 -2.42 1.30 -5.44
CA SER A 91 -2.57 2.26 -6.53
C SER A 91 -4.02 2.74 -6.66
N HIS A 92 -4.96 1.82 -6.56
CA HIS A 92 -6.37 2.19 -6.57
C HIS A 92 -6.72 3.16 -5.44
N PHE A 93 -6.18 2.95 -4.25
CA PHE A 93 -6.44 3.87 -3.15
C PHE A 93 -5.88 5.26 -3.44
N CYS A 94 -4.71 5.34 -4.08
CA CYS A 94 -4.16 6.63 -4.52
C CYS A 94 -5.19 7.37 -5.39
N TYR A 95 -5.73 6.64 -6.35
CA TYR A 95 -6.79 7.17 -7.22
C TYR A 95 -8.01 7.62 -6.39
N LEU A 96 -8.42 6.83 -5.41
CA LEU A 96 -9.52 7.23 -4.52
C LEU A 96 -9.23 8.54 -3.77
N LEU A 97 -7.99 8.72 -3.33
CA LEU A 97 -7.63 9.96 -2.62
C LEU A 97 -7.68 11.15 -3.57
N TYR A 98 -7.14 10.97 -4.78
CA TYR A 98 -7.25 11.99 -5.83
C TYR A 98 -8.71 12.42 -6.03
N LYS A 99 -9.59 11.44 -6.22
CA LYS A 99 -10.99 11.71 -6.57
C LYS A 99 -11.77 12.29 -5.39
N ASN A 100 -11.58 11.74 -4.21
CA ASN A 100 -12.43 12.09 -3.03
C ASN A 100 -11.90 13.25 -2.21
N LEU A 101 -10.58 13.36 -2.07
CA LEU A 101 -9.96 14.45 -1.33
C LEU A 101 -9.56 15.62 -2.23
N GLU A 102 -9.73 15.48 -3.55
CA GLU A 102 -9.45 16.58 -4.49
C GLU A 102 -7.99 17.05 -4.36
N LEU A 103 -7.06 16.10 -4.46
CA LEU A 103 -5.62 16.32 -4.21
C LEU A 103 -4.96 17.40 -5.07
N THR A 104 -5.51 17.67 -6.26
CA THR A 104 -4.97 18.73 -7.13
C THR A 104 -5.04 20.13 -6.50
N ASN A 105 -5.94 20.31 -5.53
CA ASN A 105 -6.01 21.57 -4.76
C ASN A 105 -4.96 21.71 -3.65
N TYR A 106 -4.17 20.65 -3.42
CA TYR A 106 -3.19 20.59 -2.33
C TYR A 106 -1.75 20.27 -2.77
N LEU A 107 -1.60 19.48 -3.84
CA LEU A 107 -0.31 19.02 -4.36
C LEU A 107 -0.16 19.41 -5.82
N GLU A 108 1.05 19.39 -6.37
N GLU A 108 1.11 19.51 -6.20
CA GLU A 108 1.24 19.63 -7.82
CA GLU A 108 1.50 19.70 -7.58
C GLU A 108 0.77 18.42 -8.66
C GLU A 108 1.17 18.43 -8.31
N ASP A 109 0.43 18.62 -9.95
N ASP A 109 0.64 18.63 -9.52
CA ASP A 109 0.06 17.49 -10.80
CA ASP A 109 0.18 17.58 -10.43
C ASP A 109 1.18 16.41 -10.84
C ASP A 109 1.21 16.46 -10.60
N ILE A 110 2.45 16.85 -10.92
CA ILE A 110 3.58 15.91 -11.05
C ILE A 110 3.84 15.09 -9.78
N GLU A 111 3.59 15.69 -8.61
CA GLU A 111 3.71 14.96 -7.33
C GLU A 111 2.65 13.86 -7.20
N ILE A 112 1.43 14.15 -7.64
CA ILE A 112 0.33 13.17 -7.61
C ILE A 112 0.59 12.04 -8.61
N PHE A 113 1.07 12.39 -9.80
CA PHE A 113 1.46 11.40 -10.80
C PHE A 113 2.58 10.48 -10.24
N ALA A 114 3.60 11.10 -9.65
CA ALA A 114 4.70 10.34 -9.01
C ALA A 114 4.20 9.42 -7.90
N LEU A 115 3.25 9.92 -7.10
CA LEU A 115 2.64 9.12 -6.03
C LEU A 115 1.96 7.86 -6.58
N PHE A 116 1.20 8.01 -7.66
CA PHE A 116 0.52 6.87 -8.29
C PHE A 116 1.50 5.83 -8.84
N ILE A 117 2.47 6.29 -9.62
CA ILE A 117 3.50 5.40 -10.18
C ILE A 117 4.30 4.73 -9.06
N SER A 118 4.57 5.48 -7.99
CA SER A 118 5.24 4.91 -6.81
C SER A 118 4.41 3.81 -6.18
N CYS A 119 3.11 4.03 -6.04
CA CYS A 119 2.20 2.98 -5.53
C CYS A 119 2.31 1.69 -6.36
N MET A 120 2.33 1.84 -7.68
CA MET A 120 2.48 0.66 -8.55
C MET A 120 3.77 -0.12 -8.29
N CYS A 121 4.85 0.62 -8.03
CA CYS A 121 6.21 0.06 -8.02
C CYS A 121 6.77 -0.24 -6.63
N HIS A 122 6.05 0.13 -5.57
CA HIS A 122 6.68 0.31 -4.25
C HIS A 122 7.14 -0.98 -3.57
N ASP A 123 6.61 -2.14 -3.98
CA ASP A 123 7.01 -3.44 -3.43
C ASP A 123 7.61 -4.38 -4.49
N LEU A 124 8.13 -3.83 -5.60
CA LEU A 124 8.64 -4.65 -6.71
C LEU A 124 9.69 -5.68 -6.23
N ASP A 125 9.54 -6.92 -6.66
CA ASP A 125 10.46 -8.02 -6.34
C ASP A 125 10.50 -8.39 -4.84
N HIS A 126 9.42 -8.09 -4.12
CA HIS A 126 9.26 -8.58 -2.75
C HIS A 126 9.17 -10.11 -2.81
N ARG A 127 9.96 -10.78 -1.98
N ARG A 127 9.95 -10.80 -1.99
CA ARG A 127 10.02 -12.25 -1.96
CA ARG A 127 9.96 -12.27 -2.00
C ARG A 127 9.26 -12.89 -0.79
C ARG A 127 9.29 -12.88 -0.76
N GLY A 128 8.51 -12.08 -0.05
CA GLY A 128 7.77 -12.55 1.12
C GLY A 128 8.59 -12.67 2.39
N THR A 129 9.75 -12.00 2.41
CA THR A 129 10.63 -11.97 3.57
C THR A 129 10.86 -10.53 4.00
N ASN A 130 10.95 -10.35 5.32
CA ASN A 130 11.23 -9.07 5.92
C ASN A 130 12.24 -9.30 7.05
N ASN A 131 13.49 -8.92 6.80
CA ASN A 131 14.56 -8.99 7.80
C ASN A 131 15.07 -7.59 8.13
N SER A 132 14.17 -6.61 8.07
CA SER A 132 14.55 -5.19 8.05
C SER A 132 14.55 -4.50 9.40
N PHE A 133 14.02 -5.13 10.44
CA PHE A 133 13.68 -4.40 11.68
C PHE A 133 14.87 -3.91 12.50
N GLN A 134 15.95 -4.69 12.49
CA GLN A 134 17.21 -4.36 13.19
C GLN A 134 16.99 -4.05 14.68
N VAL A 135 16.22 -4.92 15.32
CA VAL A 135 15.97 -4.86 16.76
C VAL A 135 16.49 -6.16 17.39
N ALA A 136 16.99 -6.07 18.62
CA ALA A 136 17.52 -7.23 19.35
C ALA A 136 16.42 -8.07 20.01
N SER A 137 15.38 -7.40 20.50
CA SER A 137 14.20 -8.05 21.05
C SER A 137 13.44 -8.69 19.90
N LYS A 138 12.74 -9.79 20.19
CA LYS A 138 11.81 -10.37 19.21
C LYS A 138 10.36 -9.91 19.41
N SER A 139 10.14 -9.01 20.36
N SER A 139 10.13 -9.02 20.36
CA SER A 139 8.83 -8.49 20.69
CA SER A 139 8.79 -8.54 20.68
C SER A 139 8.24 -7.67 19.54
C SER A 139 8.25 -7.69 19.54
N VAL A 140 6.93 -7.81 19.33
CA VAL A 140 6.23 -6.98 18.35
C VAL A 140 6.34 -5.50 18.71
N LEU A 141 6.42 -5.18 20.01
CA LEU A 141 6.56 -3.76 20.41
C LEU A 141 7.86 -3.14 19.89
N ALA A 142 8.96 -3.91 19.91
CA ALA A 142 10.23 -3.43 19.34
C ALA A 142 10.06 -3.08 17.86
N ALA A 143 9.40 -3.96 17.11
CA ALA A 143 9.08 -3.71 15.71
C ALA A 143 8.15 -2.50 15.51
N LEU A 144 7.15 -2.33 16.38
CA LEU A 144 6.15 -1.25 16.25
C LEU A 144 6.72 0.13 16.60
N TYR A 145 7.81 0.17 17.35
CA TYR A 145 8.45 1.43 17.73
C TYR A 145 9.77 1.74 17.00
N SER A 146 10.35 0.76 16.31
CA SER A 146 11.67 0.92 15.70
C SER A 146 11.68 1.95 14.58
N SER A 147 12.60 2.90 14.68
CA SER A 147 12.78 3.97 13.68
C SER A 147 14.06 3.80 12.84
N GLU A 148 14.69 2.64 12.93
CA GLU A 148 15.83 2.32 12.06
C GLU A 148 15.69 0.92 11.50
N GLY A 149 16.28 0.73 10.32
CA GLY A 149 16.24 -0.58 9.68
C GLY A 149 17.10 -0.63 8.43
N SER A 150 17.07 -1.78 7.76
CA SER A 150 17.94 -2.05 6.61
C SER A 150 17.58 -1.31 5.31
N VAL A 151 16.33 -0.85 5.21
CA VAL A 151 15.80 -0.17 4.03
C VAL A 151 15.80 -1.06 2.76
N MET A 152 14.96 -2.10 2.80
N MET A 152 14.95 -2.09 2.76
CA MET A 152 14.57 -2.92 1.63
CA MET A 152 14.72 -2.91 1.55
C MET A 152 14.06 -2.09 0.46
C MET A 152 13.99 -2.13 0.44
N GLU A 153 13.48 -0.94 0.77
CA GLU A 153 12.80 -0.07 -0.18
C GLU A 153 13.72 0.51 -1.26
N ARG A 154 15.02 0.59 -0.97
CA ARG A 154 16.02 0.92 -1.99
C ARG A 154 16.02 -0.08 -3.15
N HIS A 155 15.83 -1.36 -2.85
CA HIS A 155 15.73 -2.40 -3.89
C HIS A 155 14.46 -2.25 -4.71
N HIS A 156 13.32 -1.98 -4.06
CA HIS A 156 12.06 -1.79 -4.79
C HIS A 156 12.20 -0.63 -5.80
N PHE A 157 12.79 0.47 -5.36
CA PHE A 157 13.09 1.61 -6.24
C PHE A 157 14.04 1.24 -7.38
N ALA A 158 15.11 0.51 -7.06
CA ALA A 158 16.09 0.08 -8.07
C ALA A 158 15.43 -0.79 -9.15
N GLN A 159 14.47 -1.62 -8.75
CA GLN A 159 13.71 -2.43 -9.69
C GLN A 159 12.83 -1.56 -10.59
N ALA A 160 12.24 -0.50 -10.03
CA ALA A 160 11.44 0.47 -10.80
C ALA A 160 12.28 1.15 -11.88
N ILE A 161 13.47 1.61 -11.50
CA ILE A 161 14.40 2.27 -12.43
C ILE A 161 14.90 1.30 -13.50
N ALA A 162 15.12 0.04 -13.12
CA ALA A 162 15.51 -1.01 -14.07
C ALA A 162 14.44 -1.23 -15.15
N ILE A 163 13.17 -1.14 -14.76
CA ILE A 163 12.06 -1.19 -15.74
C ILE A 163 12.08 0.03 -16.67
N LEU A 164 12.20 1.24 -16.11
CA LEU A 164 12.29 2.47 -16.92
C LEU A 164 13.49 2.44 -17.88
N ASN A 165 14.61 1.86 -17.43
CA ASN A 165 15.81 1.69 -18.28
C ASN A 165 15.75 0.52 -19.27
N THR A 166 14.64 -0.22 -19.30
CA THR A 166 14.40 -1.28 -20.27
C THR A 166 13.90 -0.66 -21.58
N HIS A 167 14.49 -1.07 -22.69
CA HIS A 167 14.15 -0.50 -24.00
C HIS A 167 12.66 -0.67 -24.28
N GLY A 168 12.00 0.44 -24.61
CA GLY A 168 10.57 0.47 -24.90
C GLY A 168 9.65 0.68 -23.71
N CYS A 169 10.21 0.81 -22.51
CA CYS A 169 9.41 0.91 -21.27
C CYS A 169 9.52 2.23 -20.52
N ASN A 170 10.32 3.17 -21.02
CA ASN A 170 10.49 4.45 -20.34
C ASN A 170 9.37 5.42 -20.69
N ILE A 171 8.33 5.39 -19.86
CA ILE A 171 7.19 6.31 -20.00
C ILE A 171 7.53 7.80 -19.84
N PHE A 172 8.70 8.12 -19.26
CA PHE A 172 9.11 9.50 -19.02
C PHE A 172 10.24 10.02 -19.94
N ASP A 173 10.69 9.24 -20.93
CA ASP A 173 11.94 9.58 -21.65
C ASP A 173 11.85 10.83 -22.54
N HIS A 174 10.63 11.24 -22.88
CA HIS A 174 10.35 12.50 -23.59
C HIS A 174 10.31 13.74 -22.67
N PHE A 175 10.33 13.55 -21.34
CA PHE A 175 10.37 14.65 -20.38
C PHE A 175 11.64 15.47 -20.54
N SER A 176 11.58 16.73 -20.13
CA SER A 176 12.80 17.54 -19.94
C SER A 176 13.70 16.89 -18.90
N ARG A 177 15.00 17.18 -18.97
CA ARG A 177 15.98 16.61 -18.03
C ARG A 177 15.63 16.96 -16.57
N LYS A 178 15.13 18.18 -16.37
CA LYS A 178 14.69 18.64 -15.04
C LYS A 178 13.46 17.85 -14.56
N ASP A 179 12.44 17.74 -15.40
CA ASP A 179 11.20 17.01 -15.05
C ASP A 179 11.44 15.52 -14.87
N TYR A 180 12.34 14.96 -15.69
CA TYR A 180 12.75 13.55 -15.55
C TYR A 180 13.40 13.31 -14.19
N GLN A 181 14.38 14.14 -13.83
CA GLN A 181 15.05 14.03 -12.52
C GLN A 181 14.08 14.26 -11.36
N ARG A 182 13.16 15.22 -11.51
N ARG A 182 13.16 15.21 -11.51
CA ARG A 182 12.12 15.50 -10.52
CA ARG A 182 12.12 15.50 -10.51
C ARG A 182 11.22 14.29 -10.27
C ARG A 182 11.22 14.29 -10.27
N MET A 183 10.78 13.65 -11.35
CA MET A 183 9.94 12.44 -11.27
C MET A 183 10.67 11.28 -10.56
N LEU A 184 11.92 11.03 -10.94
CA LEU A 184 12.71 9.95 -10.34
C LEU A 184 13.06 10.21 -8.87
N ASP A 185 13.36 11.46 -8.54
CA ASP A 185 13.57 11.88 -7.14
C ASP A 185 12.31 11.70 -6.30
N LEU A 186 11.15 12.05 -6.85
CA LEU A 186 9.85 11.86 -6.19
C LEU A 186 9.58 10.37 -5.95
N MET A 187 9.78 9.56 -6.99
CA MET A 187 9.61 8.10 -6.88
C MET A 187 10.48 7.51 -5.78
N ARG A 188 11.75 7.93 -5.73
CA ARG A 188 12.69 7.45 -4.71
C ARG A 188 12.19 7.82 -3.31
N ASP A 189 11.88 9.10 -3.11
CA ASP A 189 11.43 9.58 -1.81
C ASP A 189 10.12 8.92 -1.36
N ILE A 190 9.19 8.76 -2.29
CA ILE A 190 7.88 8.18 -1.96
C ILE A 190 8.00 6.68 -1.66
N ILE A 191 8.74 5.95 -2.48
CA ILE A 191 8.95 4.52 -2.24
C ILE A 191 9.72 4.28 -0.92
N LEU A 192 10.73 5.09 -0.64
CA LEU A 192 11.46 5.01 0.64
C LEU A 192 10.54 5.28 1.84
N ALA A 193 9.52 6.12 1.64
CA ALA A 193 8.52 6.44 2.67
C ALA A 193 7.63 5.27 3.10
N THR A 194 7.57 4.21 2.30
CA THR A 194 6.82 3.00 2.67
C THR A 194 7.49 2.15 3.75
N ASP A 195 8.74 2.48 4.10
CA ASP A 195 9.44 1.90 5.25
C ASP A 195 8.75 2.41 6.53
N LEU A 196 8.25 1.48 7.34
N LEU A 196 8.23 1.50 7.35
CA LEU A 196 7.63 1.83 8.62
CA LEU A 196 7.60 1.92 8.61
C LEU A 196 8.58 2.63 9.51
C LEU A 196 8.57 2.63 9.54
N ALA A 197 9.86 2.25 9.49
CA ALA A 197 10.92 2.98 10.24
C ALA A 197 11.03 4.44 9.80
N HIS A 198 10.91 4.69 8.50
CA HIS A 198 10.86 6.06 7.97
C HIS A 198 9.64 6.81 8.51
N HIS A 199 8.46 6.21 8.42
CA HIS A 199 7.24 6.78 8.97
C HIS A 199 7.40 7.16 10.46
N LEU A 200 8.01 6.27 11.23
CA LEU A 200 8.26 6.55 12.66
C LEU A 200 9.29 7.65 12.89
N ARG A 201 10.27 7.79 11.99
CA ARG A 201 11.24 8.90 12.03
C ARG A 201 10.59 10.25 11.76
N ILE A 202 9.62 10.29 10.84
CA ILE A 202 8.96 11.54 10.49
C ILE A 202 7.65 11.84 11.23
N PHE A 203 7.21 10.92 12.12
CA PHE A 203 5.90 11.05 12.72
C PHE A 203 5.68 12.38 13.45
N LYS A 204 6.68 12.78 14.23
CA LYS A 204 6.60 14.04 14.99
C LYS A 204 6.39 15.24 14.05
N ASP A 205 7.08 15.23 12.91
CA ASP A 205 6.94 16.29 11.90
C ASP A 205 5.56 16.25 11.23
N LEU A 206 5.00 15.05 11.03
CA LEU A 206 3.62 14.93 10.54
C LEU A 206 2.61 15.51 11.53
N GLN A 207 2.80 15.21 12.82
CA GLN A 207 1.97 15.79 13.88
C GLN A 207 2.02 17.31 13.91
N LYS A 208 3.23 17.85 13.78
CA LYS A 208 3.44 19.31 13.77
C LYS A 208 2.72 19.96 12.58
N MET A 209 2.83 19.33 11.40
CA MET A 209 2.11 19.82 10.22
C MET A 209 0.59 19.84 10.43
N ALA A 210 0.04 18.75 10.97
CA ALA A 210 -1.39 18.67 11.26
C ALA A 210 -1.85 19.69 12.33
N GLU A 211 -0.96 19.98 13.29
CA GLU A 211 -1.25 20.97 14.34
C GLU A 211 -1.33 22.40 13.77
N VAL A 212 -0.30 22.81 13.03
CA VAL A 212 -0.25 24.16 12.47
C VAL A 212 -1.21 24.36 11.30
N GLY A 213 -1.51 23.27 10.59
CA GLY A 213 -2.38 23.29 9.42
C GLY A 213 -1.55 23.17 8.15
N TYR A 214 -2.07 22.42 7.18
CA TYR A 214 -1.38 22.20 5.90
C TYR A 214 -1.34 23.50 5.10
N ASP A 215 -0.13 23.84 4.66
CA ASP A 215 0.13 25.05 3.87
C ASP A 215 0.54 24.60 2.46
N ARG A 216 -0.39 24.75 1.51
CA ARG A 216 -0.13 24.37 0.10
C ARG A 216 1.05 25.11 -0.56
N ASN A 217 1.48 26.23 0.02
CA ASN A 217 2.67 26.95 -0.43
C ASN A 217 4.00 26.52 0.23
N ASN A 218 3.91 25.66 1.24
CA ASN A 218 5.08 25.16 1.98
C ASN A 218 5.58 23.86 1.35
N LYS A 219 6.79 23.88 0.80
CA LYS A 219 7.36 22.72 0.10
C LYS A 219 7.68 21.53 1.01
N GLN A 220 8.08 21.79 2.26
CA GLN A 220 8.29 20.72 3.24
C GLN A 220 6.97 20.01 3.57
N HIS A 221 5.88 20.77 3.61
CA HIS A 221 4.53 20.20 3.79
C HIS A 221 4.14 19.30 2.61
N HIS A 222 4.47 19.70 1.38
CA HIS A 222 4.25 18.80 0.24
C HIS A 222 4.99 17.46 0.41
N ARG A 223 6.25 17.51 0.86
CA ARG A 223 7.08 16.32 1.08
CA ARG A 223 7.06 16.31 1.06
C ARG A 223 6.44 15.43 2.14
N LEU A 224 6.10 16.02 3.27
CA LEU A 224 5.49 15.27 4.38
C LEU A 224 4.15 14.68 3.99
N LEU A 225 3.30 15.46 3.31
CA LEU A 225 1.99 14.97 2.88
C LEU A 225 2.12 13.78 1.93
N LEU A 226 3.06 13.84 1.00
CA LEU A 226 3.29 12.71 0.08
C LEU A 226 3.63 11.42 0.83
N CYS A 227 4.48 11.53 1.86
CA CYS A 227 4.81 10.39 2.72
C CYS A 227 3.56 9.85 3.43
N LEU A 228 2.77 10.74 4.01
CA LEU A 228 1.54 10.34 4.72
C LEU A 228 0.55 9.66 3.77
N LEU A 229 0.33 10.25 2.60
CA LEU A 229 -0.56 9.65 1.61
C LEU A 229 -0.08 8.26 1.18
N MET A 230 1.23 8.11 0.97
CA MET A 230 1.81 6.83 0.56
C MET A 230 1.54 5.75 1.59
N THR A 231 1.81 6.04 2.87
N THR A 231 1.81 6.05 2.87
CA THR A 231 1.54 5.05 3.92
CA THR A 231 1.54 5.10 3.94
C THR A 231 0.04 4.76 4.05
C THR A 231 0.04 4.80 4.02
N SER A 232 -0.79 5.78 3.82
N SER A 232 -0.80 5.82 3.85
CA SER A 232 -2.25 5.58 3.85
CA SER A 232 -2.25 5.62 3.84
C SER A 232 -2.73 4.68 2.70
C SER A 232 -2.67 4.65 2.72
N CYS A 233 -2.06 4.75 1.55
CA CYS A 233 -2.33 3.82 0.44
C CYS A 233 -1.87 2.40 0.77
N ASP A 234 -0.68 2.29 1.36
CA ASP A 234 -0.07 1.01 1.69
C ASP A 234 -0.92 0.20 2.68
N LEU A 235 -1.59 0.89 3.60
CA LEU A 235 -2.41 0.27 4.64
C LEU A 235 -3.91 0.27 4.35
N SER A 236 -4.29 0.67 3.14
CA SER A 236 -5.70 0.88 2.81
C SER A 236 -6.61 -0.33 2.83
N ASP A 237 -6.05 -1.54 2.87
CA ASP A 237 -6.87 -2.75 3.10
C ASP A 237 -7.61 -2.69 4.42
N GLN A 238 -7.14 -1.88 5.37
CA GLN A 238 -7.79 -1.72 6.67
C GLN A 238 -8.96 -0.74 6.70
N THR A 239 -9.19 -0.05 5.58
CA THR A 239 -10.28 0.94 5.44
C THR A 239 -11.53 0.39 4.76
N LYS A 240 -11.54 -0.91 4.45
CA LYS A 240 -12.69 -1.53 3.81
C LYS A 240 -13.55 -2.19 4.91
N GLY A 241 -14.24 -3.28 4.60
CA GLY A 241 -15.06 -3.97 5.60
C GLY A 241 -14.31 -5.06 6.34
N TRP A 242 -15.04 -5.76 7.19
CA TRP A 242 -14.50 -6.87 7.97
C TRP A 242 -13.86 -7.96 7.10
N LYS A 243 -14.54 -8.34 6.02
CA LYS A 243 -14.05 -9.43 5.20
C LYS A 243 -12.67 -9.14 4.61
N THR A 244 -12.41 -7.88 4.25
CA THR A 244 -11.10 -7.50 3.74
C THR A 244 -10.01 -7.55 4.81
N THR A 245 -10.27 -6.99 5.98
CA THR A 245 -9.26 -7.05 7.05
C THR A 245 -8.99 -8.49 7.48
N ARG A 246 -10.03 -9.32 7.52
CA ARG A 246 -9.88 -10.73 7.87
C ARG A 246 -9.02 -11.47 6.84
N LYS A 247 -9.37 -11.34 5.57
CA LYS A 247 -8.60 -11.98 4.49
C LYS A 247 -7.15 -11.54 4.46
N ILE A 248 -6.93 -10.23 4.61
CA ILE A 248 -5.57 -9.71 4.53
C ILE A 248 -4.72 -10.17 5.73
N ALA A 249 -5.32 -10.29 6.91
CA ALA A 249 -4.62 -10.87 8.06
C ALA A 249 -4.15 -12.31 7.76
N GLU A 250 -5.02 -13.10 7.12
CA GLU A 250 -4.62 -14.46 6.71
C GLU A 250 -3.38 -14.41 5.80
N LEU A 251 -3.39 -13.48 4.85
CA LEU A 251 -2.27 -13.37 3.90
C LEU A 251 -0.98 -12.90 4.57
N ILE A 252 -1.07 -11.83 5.37
CA ILE A 252 0.08 -11.29 6.10
C ILE A 252 0.74 -12.37 6.96
N TYR A 253 -0.08 -13.10 7.71
CA TYR A 253 0.46 -14.10 8.64
C TYR A 253 0.89 -15.38 7.95
N LYS A 254 0.23 -15.77 6.86
CA LYS A 254 0.75 -16.90 6.07
C LYS A 254 2.16 -16.55 5.58
N GLU A 255 2.32 -15.32 5.11
CA GLU A 255 3.62 -14.87 4.62
C GLU A 255 4.66 -14.84 5.76
N PHE A 256 4.31 -14.21 6.87
CA PHE A 256 5.18 -14.14 8.04
C PHE A 256 5.57 -15.53 8.55
N PHE A 257 4.59 -16.42 8.67
CA PHE A 257 4.87 -17.74 9.24
C PHE A 257 5.76 -18.61 8.35
N SER A 258 5.67 -18.45 7.04
N SER A 258 5.66 -18.46 7.04
CA SER A 258 6.60 -19.13 6.13
CA SER A 258 6.60 -19.11 6.10
C SER A 258 8.06 -18.73 6.41
C SER A 258 8.05 -18.73 6.41
N GLN A 259 8.28 -17.44 6.65
CA GLN A 259 9.61 -16.95 7.04
C GLN A 259 10.00 -17.48 8.42
N GLY A 260 9.12 -17.30 9.40
CA GLY A 260 9.39 -17.74 10.76
C GLY A 260 9.58 -19.23 10.91
N ASP A 261 8.80 -20.03 10.19
CA ASP A 261 8.93 -21.49 10.22
C ASP A 261 10.33 -21.92 9.77
N LEU A 262 10.85 -21.27 8.74
CA LEU A 262 12.20 -21.56 8.24
C LEU A 262 13.25 -21.14 9.27
N GLU A 263 13.10 -19.94 9.82
CA GLU A 263 14.06 -19.43 10.81
C GLU A 263 14.15 -20.38 12.00
N LYS A 264 12.99 -20.80 12.52
CA LYS A 264 12.93 -21.75 13.63
C LYS A 264 13.56 -23.09 13.28
N ALA A 265 13.24 -23.60 12.10
CA ALA A 265 13.80 -24.88 11.61
C ALA A 265 15.33 -24.83 11.52
N MET A 266 15.87 -23.68 11.12
N MET A 266 15.85 -23.67 11.11
CA MET A 266 17.32 -23.48 11.04
CA MET A 266 17.29 -23.41 11.02
C MET A 266 17.99 -23.07 12.36
C MET A 266 18.00 -23.16 12.37
N GLY A 267 17.23 -23.09 13.46
CA GLY A 267 17.77 -22.86 14.81
C GLY A 267 17.91 -21.40 15.19
N ASN A 268 17.22 -20.52 14.47
CA ASN A 268 17.25 -19.09 14.74
C ASN A 268 15.94 -18.61 15.36
N ARG A 269 15.99 -17.49 16.06
CA ARG A 269 14.84 -16.93 16.76
C ARG A 269 14.09 -15.99 15.82
N PRO A 270 12.83 -16.31 15.45
CA PRO A 270 12.10 -15.35 14.63
C PRO A 270 11.55 -14.22 15.46
N MET A 271 11.17 -13.13 14.79
CA MET A 271 10.31 -12.13 15.42
C MET A 271 9.03 -12.80 15.91
N GLU A 272 8.51 -12.34 17.05
CA GLU A 272 7.36 -13.01 17.67
C GLU A 272 6.11 -13.03 16.76
N MET A 273 5.90 -11.99 15.96
CA MET A 273 4.76 -11.96 15.04
CA MET A 273 4.75 -11.95 15.03
C MET A 273 4.91 -12.94 13.88
N MET A 274 6.12 -13.48 13.69
CA MET A 274 6.37 -14.49 12.65
C MET A 274 6.47 -15.91 13.22
N ASP A 275 6.29 -16.05 14.52
CA ASP A 275 6.36 -17.33 15.20
C ASP A 275 4.94 -17.80 15.49
N ARG A 276 4.49 -18.81 14.73
CA ARG A 276 3.13 -19.33 14.91
C ARG A 276 2.78 -19.83 16.33
N GLU A 277 3.81 -20.17 17.10
N GLU A 277 3.80 -20.18 17.12
CA GLU A 277 3.63 -20.58 18.50
CA GLU A 277 3.59 -20.58 18.50
C GLU A 277 3.38 -19.41 19.45
C GLU A 277 3.44 -19.42 19.48
N LYS A 278 3.77 -18.20 19.04
CA LYS A 278 3.69 -16.99 19.89
C LYS A 278 2.80 -15.88 19.34
N ALA A 279 2.30 -16.03 18.11
CA ALA A 279 1.58 -14.97 17.39
C ALA A 279 0.07 -15.10 17.60
N TYR A 280 -0.49 -14.25 18.45
CA TYR A 280 -1.93 -14.21 18.65
C TYR A 280 -2.47 -13.16 17.67
N ILE A 281 -3.04 -13.63 16.57
CA ILE A 281 -3.34 -12.76 15.44
C ILE A 281 -4.31 -11.61 15.78
N PRO A 282 -5.43 -11.89 16.46
CA PRO A 282 -6.32 -10.76 16.78
C PRO A 282 -5.63 -9.68 17.61
N GLU A 283 -4.86 -10.10 18.61
CA GLU A 283 -4.10 -9.17 19.45
C GLU A 283 -3.05 -8.39 18.68
N LEU A 284 -2.37 -9.07 17.75
CA LEU A 284 -1.37 -8.42 16.91
C LEU A 284 -2.02 -7.38 15.99
N GLN A 285 -3.18 -7.72 15.42
CA GLN A 285 -3.92 -6.81 14.55
C GLN A 285 -4.34 -5.57 15.32
N ILE A 286 -4.88 -5.78 16.52
CA ILE A 286 -5.24 -4.66 17.39
C ILE A 286 -4.03 -3.74 17.64
N SER A 287 -2.88 -4.34 17.98
CA SER A 287 -1.67 -3.57 18.26
C SER A 287 -1.21 -2.79 17.03
N PHE A 288 -1.16 -3.41 15.87
CA PHE A 288 -0.77 -2.70 14.65
C PHE A 288 -1.75 -1.55 14.36
N MET A 289 -3.04 -1.81 14.52
CA MET A 289 -4.04 -0.78 14.22
C MET A 289 -3.95 0.39 15.19
N GLU A 290 -3.74 0.12 16.48
CA GLU A 290 -3.65 1.20 17.47
C GLU A 290 -2.34 1.96 17.38
N HIS A 291 -1.23 1.26 17.13
CA HIS A 291 0.09 1.90 17.07
C HIS A 291 0.35 2.63 15.75
N ILE A 292 -0.05 2.03 14.62
CA ILE A 292 0.37 2.50 13.31
C ILE A 292 -0.81 2.98 12.46
N ALA A 293 -1.80 2.12 12.22
CA ALA A 293 -2.81 2.45 11.20
C ALA A 293 -3.75 3.57 11.64
N MET A 294 -4.31 3.47 12.84
CA MET A 294 -5.27 4.48 13.29
C MET A 294 -4.65 5.88 13.36
N PRO A 295 -3.42 6.00 13.90
CA PRO A 295 -2.82 7.35 13.88
C PRO A 295 -2.59 7.94 12.49
N ILE A 296 -2.26 7.10 11.50
CA ILE A 296 -2.13 7.55 10.11
C ILE A 296 -3.43 8.13 9.57
N TYR A 297 -4.53 7.39 9.72
CA TYR A 297 -5.83 7.85 9.23
C TYR A 297 -6.40 9.00 10.08
N LYS A 298 -5.98 9.09 11.34
CA LYS A 298 -6.36 10.23 12.17
C LYS A 298 -5.66 11.49 11.68
N LEU A 299 -4.36 11.40 11.38
CA LEU A 299 -3.62 12.52 10.74
C LEU A 299 -4.25 12.91 9.42
N LEU A 300 -4.64 11.92 8.62
CA LEU A 300 -5.28 12.18 7.33
C LEU A 300 -6.60 12.94 7.52
N GLN A 301 -7.41 12.51 8.50
N GLN A 301 -7.39 12.52 8.50
CA GLN A 301 -8.66 13.21 8.85
CA GLN A 301 -8.65 13.20 8.84
C GLN A 301 -8.40 14.64 9.32
C GLN A 301 -8.44 14.62 9.36
N ASP A 302 -7.36 14.83 10.14
CA ASP A 302 -7.00 16.17 10.66
C ASP A 302 -6.68 17.16 9.53
N LEU A 303 -6.06 16.66 8.46
CA LEU A 303 -5.72 17.46 7.28
C LEU A 303 -6.88 17.54 6.26
N PHE A 304 -7.64 16.45 6.13
CA PHE A 304 -8.73 16.33 5.15
C PHE A 304 -9.97 15.82 5.85
N PRO A 305 -10.90 16.72 6.22
CA PRO A 305 -12.18 16.31 6.84
C PRO A 305 -12.97 15.23 6.05
N LYS A 306 -12.85 15.22 4.73
CA LYS A 306 -13.49 14.20 3.88
C LYS A 306 -12.89 12.78 4.05
N ALA A 307 -11.73 12.68 4.70
CA ALA A 307 -11.12 11.40 5.07
C ALA A 307 -11.62 10.84 6.41
N ALA A 308 -12.58 11.49 7.05
CA ALA A 308 -13.08 11.02 8.35
C ALA A 308 -13.64 9.59 8.29
N GLU A 309 -14.34 9.26 7.20
CA GLU A 309 -14.92 7.92 7.06
C GLU A 309 -13.85 6.81 7.01
N LEU A 310 -12.64 7.14 6.53
CA LEU A 310 -11.55 6.15 6.51
C LEU A 310 -11.07 5.81 7.92
N TYR A 311 -10.83 6.84 8.73
CA TYR A 311 -10.47 6.62 10.13
C TYR A 311 -11.55 5.82 10.88
N GLU A 312 -12.81 6.16 10.67
N GLU A 312 -12.81 6.18 10.66
CA GLU A 312 -13.91 5.48 11.34
CA GLU A 312 -13.94 5.50 11.28
C GLU A 312 -14.05 4.01 10.89
C GLU A 312 -13.98 4.02 10.91
N ARG A 313 -13.75 3.72 9.62
CA ARG A 313 -13.69 2.31 9.15
C ARG A 313 -12.55 1.54 9.84
N VAL A 314 -11.37 2.14 9.92
CA VAL A 314 -10.24 1.49 10.59
C VAL A 314 -10.54 1.26 12.07
N ALA A 315 -11.10 2.27 12.73
CA ALA A 315 -11.51 2.13 14.13
C ALA A 315 -12.56 1.02 14.30
N SER A 316 -13.52 0.95 13.38
N SER A 316 -13.52 0.95 13.38
CA SER A 316 -14.55 -0.12 13.40
CA SER A 316 -14.54 -0.10 13.39
C SER A 316 -13.93 -1.50 13.25
C SER A 316 -13.93 -1.50 13.24
N ASN A 317 -12.98 -1.63 12.31
CA ASN A 317 -12.25 -2.89 12.14
C ASN A 317 -11.42 -3.28 13.38
N ARG A 318 -10.83 -2.30 14.05
N ARG A 318 -10.84 -2.29 14.07
CA ARG A 318 -10.12 -2.53 15.31
CA ARG A 318 -10.17 -2.55 15.35
C ARG A 318 -11.08 -3.08 16.37
C ARG A 318 -11.17 -3.08 16.39
N GLU A 319 -12.28 -2.52 16.44
N GLU A 319 -12.35 -2.48 16.43
CA GLU A 319 -13.29 -3.01 17.38
CA GLU A 319 -13.45 -2.97 17.28
C GLU A 319 -13.78 -4.43 17.00
C GLU A 319 -13.77 -4.42 16.99
N HIS A 320 -13.88 -4.76 15.71
CA HIS A 320 -14.16 -6.15 15.29
C HIS A 320 -13.08 -7.13 15.79
N TRP A 321 -11.81 -6.80 15.58
CA TRP A 321 -10.71 -7.64 16.05
C TRP A 321 -10.70 -7.74 17.58
N THR A 322 -11.07 -6.65 18.28
CA THR A 322 -11.20 -6.67 19.73
C THR A 322 -12.27 -7.66 20.18
N LYS A 323 -13.45 -7.63 19.54
CA LYS A 323 -14.53 -8.60 19.83
C LYS A 323 -14.03 -10.03 19.60
N VAL A 324 -13.32 -10.24 18.49
CA VAL A 324 -12.75 -11.56 18.19
C VAL A 324 -11.82 -12.01 19.32
N SER A 325 -10.95 -11.11 19.77
CA SER A 325 -9.95 -11.43 20.81
C SER A 325 -10.60 -11.81 22.14
N HIS A 326 -11.77 -11.23 22.43
CA HIS A 326 -12.50 -11.53 23.66
C HIS A 326 -13.25 -12.87 23.61
N LYS A 327 -13.59 -13.35 22.42
CA LYS A 327 -14.38 -14.58 22.20
C LYS A 327 -13.53 -15.78 21.78
N PHE A 328 -12.34 -15.53 21.25
CA PHE A 328 -11.47 -16.57 20.68
C PHE A 328 -10.01 -16.35 21.06
N THR A 329 -9.29 -17.44 21.26
CA THR A 329 -7.85 -17.41 21.45
C THR A 329 -7.25 -18.04 20.20
N ILE A 330 -6.82 -17.19 19.28
CA ILE A 330 -6.32 -17.64 17.97
C ILE A 330 -4.81 -17.45 17.93
N ARG A 331 -4.10 -18.53 18.25
CA ARG A 331 -2.65 -18.56 18.26
C ARG A 331 -2.20 -19.25 16.98
N GLY A 332 -1.50 -18.52 16.12
CA GLY A 332 -1.11 -19.03 14.82
C GLY A 332 -2.29 -19.10 13.85
N LEU A 333 -2.12 -19.90 12.81
CA LEU A 333 -3.16 -20.12 11.81
C LEU A 333 -3.48 -21.60 11.73
N PRO A 334 -4.74 -21.93 11.39
CA PRO A 334 -5.05 -23.35 11.17
C PRO A 334 -4.34 -23.90 9.93
N SER A 335 -4.40 -25.22 9.75
CA SER A 335 -3.68 -25.84 8.63
C SER A 335 -4.09 -25.35 7.25
N ASN A 336 -5.33 -24.89 7.10
CA ASN A 336 -5.82 -24.33 5.84
C ASN A 336 -5.67 -22.80 5.70
N ASN A 337 -5.03 -22.18 6.69
CA ASN A 337 -4.75 -20.75 6.73
C ASN A 337 -5.99 -19.83 6.66
N SER A 338 -7.16 -20.33 7.06
CA SER A 338 -8.41 -19.58 6.93
C SER A 338 -9.10 -19.35 8.27
N LEU A 339 -9.39 -18.08 8.56
CA LEU A 339 -10.18 -17.68 9.71
C LEU A 339 -11.58 -17.22 9.27
N ASP A 340 -12.04 -17.71 8.11
CA ASP A 340 -13.32 -17.24 7.56
C ASP A 340 -14.57 -17.58 8.41
N PHE A 341 -14.44 -18.55 9.34
CA PHE A 341 -15.51 -18.78 10.33
C PHE A 341 -15.87 -17.52 11.14
N LEU A 342 -14.91 -16.61 11.30
CA LEU A 342 -15.12 -15.37 12.06
C LEU A 342 -16.20 -14.47 11.46
N ASP A 343 -16.40 -14.54 10.14
CA ASP A 343 -17.38 -13.69 9.46
C ASP A 343 -18.78 -13.94 10.04
N GLU A 344 -19.12 -15.20 10.25
N GLU A 344 -19.13 -15.20 10.24
CA GLU A 344 -20.41 -15.58 10.84
CA GLU A 344 -20.42 -15.57 10.86
C GLU A 344 -20.50 -15.23 12.33
C GLU A 344 -20.50 -15.18 12.34
N GLU A 345 -19.37 -15.28 13.03
CA GLU A 345 -19.31 -14.96 14.47
C GLU A 345 -19.62 -13.50 14.77
N LEU A 346 -19.17 -12.61 13.89
CA LEU A 346 -19.41 -11.18 14.06
C LEU A 346 -20.79 -10.78 13.54
N GLU A 347 -21.24 -11.44 12.46
CA GLU A 347 -22.62 -11.45 11.92
C GLU A 347 -22.59 -11.81 10.43
#